data_5N4O
#
_entry.id   5N4O
#
_cell.length_a   97.905
_cell.length_b   97.905
_cell.length_c   80.323
_cell.angle_alpha   90.00
_cell.angle_beta   90.00
_cell.angle_gamma   120.00
#
_symmetry.space_group_name_H-M   'P 65'
#
loop_
_entity.id
_entity.type
_entity.pdbx_description
1 polymer 'Serine/threonine-protein kinase pim-1'
2 polymer Pimtide
3 non-polymer '(~{E})-3-(4-methylphenyl)prop-2-enoic acid'
4 water water
#
loop_
_entity_poly.entity_id
_entity_poly.type
_entity_poly.pdbx_seq_one_letter_code
_entity_poly.pdbx_strand_id
1 'polypeptide(L)'
;MLLSKINSLAHLRAAPCNDLHATKLAPGKEKEPLESQYQVGPLLGSGGFGSVYSGIRVSDNLPVAIKHVEKDRISDWGEL
PNGTRVPMEVVLLKKVSSGFSGVIRLLDWFERPDSFVLILERPEPVQDLFDFITERGALQEELARSFFWQVLEAVRHCHN
CGVLHRDIKDENILIDLNRGELKLIDFGSGALLKDTVYTDFDGTRVYSPPEWIRYHRYHGRSAAVWSLGILLYDMVCGDI
PFEHDEEIIGGQVFFRQRVSSECQHLIRWCLALRPSDRPTFEEIQNHPWMQDVLLPQETAEIHLHSLSPGPSK
;
A
2 'polypeptide(L)' ARKRRRHPSGPPTA B
#
loop_
_chem_comp.id
_chem_comp.type
_chem_comp.name
_chem_comp.formula
8MB non-polymer '(~{E})-3-(4-methylphenyl)prop-2-enoic acid' 'C10 H10 O2'
#
# COMPACT_ATOMS: atom_id res chain seq x y z
N PRO A 33 -16.86 -18.06 -18.67
CA PRO A 33 -15.57 -18.76 -18.65
C PRO A 33 -14.37 -17.84 -18.50
N LEU A 34 -13.67 -17.94 -17.36
CA LEU A 34 -12.48 -17.13 -17.15
C LEU A 34 -11.38 -17.49 -18.14
N GLU A 35 -11.30 -18.76 -18.53
CA GLU A 35 -10.24 -19.22 -19.41
C GLU A 35 -10.49 -18.84 -20.87
N SER A 36 -11.68 -18.34 -21.20
CA SER A 36 -12.01 -17.91 -22.55
C SER A 36 -12.07 -16.39 -22.70
N GLN A 37 -12.06 -15.63 -21.60
CA GLN A 37 -12.06 -14.17 -21.65
C GLN A 37 -10.67 -13.56 -21.59
N TYR A 38 -9.66 -14.30 -21.13
CA TYR A 38 -8.36 -13.72 -20.86
C TYR A 38 -7.26 -14.63 -21.40
N GLN A 39 -6.28 -14.03 -22.06
CA GLN A 39 -5.08 -14.74 -22.46
C GLN A 39 -4.08 -14.68 -21.31
N VAL A 40 -3.73 -15.84 -20.75
CA VAL A 40 -2.86 -15.92 -19.58
C VAL A 40 -1.41 -15.95 -20.03
N GLY A 41 -0.56 -15.21 -19.33
CA GLY A 41 0.83 -15.13 -19.66
C GLY A 41 1.75 -15.43 -18.49
N PRO A 42 2.80 -14.64 -18.35
CA PRO A 42 3.88 -14.99 -17.41
C PRO A 42 3.56 -14.63 -15.97
N LEU A 43 4.09 -15.45 -15.08
CA LEU A 43 4.00 -15.20 -13.66
C LEU A 43 4.70 -13.88 -13.30
N LEU A 44 3.94 -12.94 -12.74
CA LEU A 44 4.55 -11.68 -12.31
C LEU A 44 5.20 -11.83 -10.93
N GLY A 45 4.63 -12.67 -10.07
CA GLY A 45 5.17 -12.88 -8.75
C GLY A 45 4.21 -13.71 -7.92
N SER A 46 4.69 -14.14 -6.76
CA SER A 46 3.84 -14.86 -5.82
C SER A 46 4.37 -14.68 -4.41
N GLY A 47 3.57 -15.10 -3.44
CA GLY A 47 3.96 -15.06 -2.04
C GLY A 47 2.83 -14.73 -1.07
N GLY A 50 -1.34 -14.60 -3.12
CA GLY A 50 -1.13 -15.85 -3.83
C GLY A 50 -0.14 -15.78 -4.99
N SER A 51 -0.63 -16.08 -6.19
CA SER A 51 0.18 -16.15 -7.41
C SER A 51 -0.45 -15.25 -8.45
N VAL A 52 0.36 -14.40 -9.08
CA VAL A 52 -0.13 -13.32 -9.93
C VAL A 52 0.49 -13.44 -11.30
N TYR A 53 -0.35 -13.51 -12.33
CA TYR A 53 0.08 -13.68 -13.71
C TYR A 53 -0.26 -12.44 -14.52
N SER A 54 0.64 -12.07 -15.43
CA SER A 54 0.31 -11.08 -16.43
C SER A 54 -0.65 -11.68 -17.45
N GLY A 55 -1.52 -10.83 -17.98
CA GLY A 55 -2.58 -11.29 -18.87
C GLY A 55 -3.11 -10.15 -19.68
N ILE A 56 -3.98 -10.50 -20.62
CA ILE A 56 -4.61 -9.55 -21.53
C ILE A 56 -6.05 -9.96 -21.71
N ARG A 57 -6.96 -8.99 -21.58
CA ARG A 57 -8.37 -9.26 -21.82
C ARG A 57 -8.59 -9.42 -23.32
N VAL A 58 -9.11 -10.58 -23.72
CA VAL A 58 -9.30 -10.85 -25.14
C VAL A 58 -10.26 -9.84 -25.76
N SER A 59 -11.21 -9.33 -24.96
CA SER A 59 -12.26 -8.46 -25.49
C SER A 59 -11.69 -7.17 -26.08
N ASP A 60 -10.58 -6.66 -25.53
CA ASP A 60 -10.07 -5.37 -26.01
C ASP A 60 -8.57 -5.19 -25.80
N ASN A 61 -7.79 -6.27 -25.67
CA ASN A 61 -6.34 -6.21 -25.52
C ASN A 61 -5.91 -5.41 -24.29
N LEU A 62 -6.77 -5.26 -23.29
CA LEU A 62 -6.40 -4.51 -22.09
C LEU A 62 -5.43 -5.31 -21.24
N PRO A 63 -4.30 -4.73 -20.82
CA PRO A 63 -3.41 -5.47 -19.91
C PRO A 63 -4.07 -5.63 -18.54
N VAL A 64 -3.99 -6.85 -18.00
CA VAL A 64 -4.56 -7.16 -16.70
C VAL A 64 -3.54 -7.94 -15.89
N ALA A 65 -3.79 -8.02 -14.58
CA ALA A 65 -3.09 -8.94 -13.73
C ALA A 65 -4.10 -9.95 -13.19
N ILE A 66 -3.72 -11.22 -13.18
CA ILE A 66 -4.62 -12.30 -12.83
C ILE A 66 -4.08 -12.96 -11.57
N LYS A 67 -4.81 -12.80 -10.46
CA LYS A 67 -4.38 -13.23 -9.14
C LYS A 67 -5.21 -14.42 -8.67
N HIS A 68 -4.52 -15.48 -8.27
CA HIS A 68 -5.15 -16.71 -7.81
C HIS A 68 -4.92 -16.84 -6.32
N VAL A 69 -5.98 -17.16 -5.58
CA VAL A 69 -5.91 -17.34 -4.14
C VAL A 69 -6.61 -18.64 -3.78
N GLU A 70 -5.91 -19.52 -3.06
CA GLU A 70 -6.48 -20.80 -2.68
C GLU A 70 -7.48 -20.60 -1.55
N LYS A 71 -8.66 -21.19 -1.70
CA LYS A 71 -9.66 -21.08 -0.64
C LYS A 71 -9.12 -21.58 0.68
N ASP A 72 -8.37 -22.69 0.68
CA ASP A 72 -7.92 -23.28 1.92
C ASP A 72 -6.99 -22.35 2.70
N ARG A 73 -6.41 -21.35 2.05
CA ARG A 73 -5.46 -20.45 2.68
C ARG A 73 -6.05 -19.08 2.96
N ILE A 74 -7.37 -18.96 3.09
CA ILE A 74 -8.02 -17.67 3.30
C ILE A 74 -8.48 -17.58 4.74
N SER A 75 -8.04 -16.54 5.44
CA SER A 75 -8.32 -16.35 6.86
C SER A 75 -9.64 -15.62 7.09
N ASP A 76 -9.86 -14.51 6.41
CA ASP A 76 -11.06 -13.69 6.60
C ASP A 76 -11.97 -13.81 5.39
N TRP A 77 -13.25 -14.08 5.64
CA TRP A 77 -14.28 -14.19 4.62
C TRP A 77 -15.34 -13.12 4.83
N GLY A 78 -15.92 -12.67 3.73
CA GLY A 78 -17.00 -11.71 3.79
C GLY A 78 -18.12 -12.05 2.82
N GLU A 79 -19.10 -11.15 2.72
CA GLU A 79 -20.22 -11.32 1.80
C GLU A 79 -20.41 -10.03 1.01
N LEU A 80 -20.87 -10.18 -0.23
CA LEU A 80 -21.14 -9.04 -1.09
C LEU A 80 -22.63 -8.71 -1.06
N PRO A 81 -23.10 -7.78 -1.90
CA PRO A 81 -24.55 -7.54 -1.98
C PRO A 81 -25.32 -8.78 -2.39
N ASN A 82 -24.80 -9.57 -3.33
CA ASN A 82 -25.42 -10.83 -3.71
C ASN A 82 -25.55 -11.79 -2.52
N GLY A 83 -24.89 -11.51 -1.40
CA GLY A 83 -24.81 -12.46 -0.31
C GLY A 83 -23.86 -13.61 -0.53
N THR A 84 -23.21 -13.68 -1.70
CA THR A 84 -22.23 -14.72 -1.94
C THR A 84 -21.07 -14.56 -0.97
N ARG A 85 -20.62 -15.69 -0.39
CA ARG A 85 -19.48 -15.67 0.51
C ARG A 85 -18.20 -15.57 -0.32
N VAL A 86 -17.46 -14.49 -0.14
CA VAL A 86 -16.23 -14.25 -0.90
C VAL A 86 -15.12 -13.92 0.08
N PRO A 87 -13.86 -14.03 -0.35
CA PRO A 87 -12.76 -13.54 0.48
C PRO A 87 -12.93 -12.06 0.77
N MET A 88 -12.53 -11.65 1.98
CA MET A 88 -12.61 -10.24 2.34
C MET A 88 -11.87 -9.36 1.32
N GLU A 89 -10.74 -9.84 0.81
CA GLU A 89 -10.02 -9.10 -0.22
C GLU A 89 -10.94 -8.70 -1.37
N VAL A 90 -11.82 -9.61 -1.79
CA VAL A 90 -12.75 -9.25 -2.85
C VAL A 90 -13.71 -8.16 -2.39
N VAL A 91 -14.24 -8.29 -1.17
CA VAL A 91 -15.15 -7.29 -0.63
C VAL A 91 -14.48 -5.92 -0.60
N LEU A 92 -13.26 -5.85 -0.06
CA LEU A 92 -12.59 -4.56 0.07
C LEU A 92 -12.26 -3.96 -1.30
N LEU A 93 -11.86 -4.81 -2.25
CA LEU A 93 -11.55 -4.30 -3.59
C LEU A 93 -12.76 -3.68 -4.26
N LYS A 94 -13.93 -4.32 -4.12
CA LYS A 94 -15.14 -3.75 -4.71
C LYS A 94 -15.51 -2.43 -4.06
N LYS A 95 -15.33 -2.31 -2.74
CA LYS A 95 -15.69 -1.06 -2.08
C LYS A 95 -14.83 0.10 -2.55
N VAL A 96 -13.55 -0.15 -2.90
CA VAL A 96 -12.70 0.95 -3.35
C VAL A 96 -12.60 1.06 -4.86
N SER A 97 -13.13 0.09 -5.62
CA SER A 97 -12.85 0.14 -7.05
C SER A 97 -13.82 1.02 -7.81
N SER A 98 -14.71 1.72 -7.13
CA SER A 98 -15.64 2.61 -7.83
C SER A 98 -14.89 3.85 -8.29
N GLY A 99 -14.74 3.99 -9.60
CA GLY A 99 -14.17 5.17 -10.18
C GLY A 99 -12.67 5.08 -10.42
N PHE A 100 -12.07 6.27 -10.52
CA PHE A 100 -10.63 6.41 -10.69
C PHE A 100 -9.99 6.70 -9.33
N SER A 101 -8.80 6.17 -9.12
CA SER A 101 -8.14 6.37 -7.84
C SER A 101 -6.69 5.93 -7.97
N GLY A 102 -5.92 6.24 -6.94
CA GLY A 102 -4.59 5.69 -6.78
C GLY A 102 -4.66 4.30 -6.19
N VAL A 103 -5.77 3.61 -6.39
CA VAL A 103 -5.92 2.25 -5.91
C VAL A 103 -6.14 1.33 -7.10
N ILE A 104 -5.53 0.14 -7.04
CA ILE A 104 -5.71 -0.87 -8.07
C ILE A 104 -7.19 -1.21 -8.18
N ARG A 105 -7.67 -1.36 -9.41
CA ARG A 105 -9.09 -1.60 -9.64
C ARG A 105 -9.31 -3.09 -9.89
N LEU A 106 -10.22 -3.69 -9.13
CA LEU A 106 -10.72 -5.02 -9.43
C LEU A 106 -11.68 -4.95 -10.60
N LEU A 107 -11.35 -5.63 -11.70
CA LEU A 107 -12.21 -5.57 -12.89
C LEU A 107 -13.21 -6.71 -12.98
N ASP A 108 -12.98 -7.80 -12.25
CA ASP A 108 -13.83 -8.99 -12.31
C ASP A 108 -13.20 -10.02 -11.38
N TRP A 109 -13.97 -11.04 -11.04
CA TRP A 109 -13.49 -12.19 -10.28
C TRP A 109 -14.31 -13.42 -10.65
N PHE A 110 -13.77 -14.57 -10.27
CA PHE A 110 -14.36 -15.87 -10.56
C PHE A 110 -14.13 -16.79 -9.37
N GLU A 111 -15.10 -17.64 -9.08
CA GLU A 111 -14.92 -18.70 -8.12
C GLU A 111 -14.65 -20.01 -8.85
N ARG A 112 -13.67 -20.75 -8.37
CA ARG A 112 -13.27 -22.06 -8.83
C ARG A 112 -13.39 -23.04 -7.67
N PRO A 113 -13.38 -24.35 -7.94
CA PRO A 113 -13.53 -25.33 -6.85
C PRO A 113 -12.68 -25.04 -5.61
N ASP A 114 -11.38 -24.83 -5.75
CA ASP A 114 -10.52 -24.64 -4.59
C ASP A 114 -9.87 -23.26 -4.54
N SER A 115 -10.28 -22.32 -5.39
CA SER A 115 -9.64 -21.01 -5.40
C SER A 115 -10.59 -19.93 -5.90
N PHE A 116 -10.22 -18.68 -5.64
CA PHE A 116 -10.78 -17.53 -6.33
C PHE A 116 -9.72 -16.91 -7.22
N VAL A 117 -10.19 -16.32 -8.31
CA VAL A 117 -9.33 -15.68 -9.30
C VAL A 117 -9.79 -14.23 -9.44
N LEU A 118 -8.85 -13.30 -9.30
CA LEU A 118 -9.14 -11.88 -9.38
C LEU A 118 -8.50 -11.29 -10.62
N ILE A 119 -9.28 -10.53 -11.38
CA ILE A 119 -8.77 -9.80 -12.54
C ILE A 119 -8.56 -8.36 -12.13
N LEU A 120 -7.32 -7.90 -12.16
CA LEU A 120 -6.96 -6.58 -11.69
C LEU A 120 -6.40 -5.76 -12.84
N GLU A 121 -6.48 -4.44 -12.70
CA GLU A 121 -5.74 -3.53 -13.56
C GLU A 121 -4.27 -3.91 -13.59
N ARG A 122 -3.64 -3.68 -14.73
CA ARG A 122 -2.18 -3.75 -14.82
C ARG A 122 -1.67 -2.54 -15.58
N PRO A 123 -1.11 -1.57 -14.90
CA PRO A 123 -0.37 -0.51 -15.60
C PRO A 123 0.89 -1.06 -16.23
N GLU A 124 1.26 -0.43 -17.35
CA GLU A 124 2.47 -0.80 -18.07
C GLU A 124 2.95 0.45 -18.81
N PRO A 125 4.23 0.81 -18.65
CA PRO A 125 5.25 0.12 -17.85
C PRO A 125 5.13 0.43 -16.36
N VAL A 126 5.48 -0.52 -15.50
CA VAL A 126 5.30 -0.38 -14.07
C VAL A 126 6.56 -0.84 -13.34
N GLN A 127 6.80 -0.27 -12.15
CA GLN A 127 7.78 -0.79 -11.22
C GLN A 127 7.24 -0.60 -9.82
N ASP A 128 7.46 -1.57 -8.94
CA ASP A 128 6.94 -1.31 -7.60
C ASP A 128 7.93 -0.43 -6.85
N LEU A 129 7.43 0.23 -5.82
CA LEU A 129 8.22 1.25 -5.14
C LEU A 129 9.39 0.65 -4.38
N PHE A 130 9.27 -0.59 -3.91
CA PHE A 130 10.41 -1.23 -3.28
C PHE A 130 11.60 -1.34 -4.24
N ASP A 131 11.36 -1.89 -5.44
CA ASP A 131 12.43 -2.01 -6.43
C ASP A 131 12.95 -0.64 -6.87
N PHE A 132 12.04 0.33 -7.00
CA PHE A 132 12.44 1.66 -7.41
C PHE A 132 13.42 2.28 -6.42
N ILE A 133 13.15 2.13 -5.13
CA ILE A 133 14.05 2.69 -4.11
C ILE A 133 15.35 1.91 -4.06
N THR A 134 15.30 0.59 -4.23
CA THR A 134 16.51 -0.21 -4.31
C THR A 134 17.42 0.28 -5.42
N GLU A 135 16.87 0.52 -6.60
CA GLU A 135 17.71 0.89 -7.73
C GLU A 135 18.19 2.33 -7.65
N ARG A 136 17.37 3.24 -7.11
CA ARG A 136 17.73 4.65 -7.09
C ARG A 136 18.32 5.11 -5.77
N GLY A 137 18.15 4.36 -4.71
CA GLY A 137 18.55 4.85 -3.41
C GLY A 137 17.54 5.87 -2.89
N ALA A 138 17.99 6.61 -1.87
CA ALA A 138 17.19 7.66 -1.27
C ALA A 138 16.65 8.61 -2.34
N LEU A 139 15.35 8.89 -2.29
CA LEU A 139 14.73 9.75 -3.28
C LEU A 139 14.92 11.21 -2.89
N GLN A 140 15.08 12.07 -3.89
CA GLN A 140 14.98 13.51 -3.65
C GLN A 140 13.65 13.85 -2.98
N GLU A 141 13.70 14.84 -2.07
CA GLU A 141 12.50 15.20 -1.32
C GLU A 141 11.37 15.65 -2.23
N GLU A 142 11.68 16.33 -3.33
CA GLU A 142 10.62 16.72 -4.25
C GLU A 142 9.89 15.49 -4.80
N LEU A 143 10.62 14.43 -5.12
CA LEU A 143 9.99 13.22 -5.63
C LEU A 143 9.28 12.46 -4.52
N ALA A 144 9.89 12.37 -3.33
CA ALA A 144 9.23 11.72 -2.20
C ALA A 144 7.97 12.48 -1.80
N ARG A 145 8.00 13.82 -1.90
CA ARG A 145 6.78 14.58 -1.62
C ARG A 145 5.66 14.18 -2.57
N SER A 146 5.95 14.12 -3.86
CA SER A 146 4.91 13.79 -4.83
C SER A 146 4.37 12.39 -4.58
N PHE A 147 5.26 11.41 -4.40
CA PHE A 147 4.82 10.04 -4.12
C PHE A 147 4.03 9.95 -2.82
N PHE A 148 4.58 10.49 -1.72
CA PHE A 148 3.90 10.41 -0.43
C PHE A 148 2.50 11.02 -0.51
N TRP A 149 2.40 12.19 -1.13
CA TRP A 149 1.11 12.83 -1.32
C TRP A 149 0.13 11.90 -2.04
N GLN A 150 0.59 11.27 -3.12
CA GLN A 150 -0.30 10.37 -3.84
C GLN A 150 -0.69 9.17 -2.99
N VAL A 151 0.22 8.69 -2.14
CA VAL A 151 -0.15 7.59 -1.25
C VAL A 151 -1.17 8.07 -0.23
N LEU A 152 -0.99 9.27 0.31
CA LEU A 152 -2.00 9.82 1.22
C LEU A 152 -3.37 9.93 0.56
N GLU A 153 -3.45 10.42 -0.67
CA GLU A 153 -4.75 10.54 -1.33
C GLU A 153 -5.40 9.16 -1.53
N ALA A 154 -4.59 8.15 -1.86
CA ALA A 154 -5.12 6.80 -2.05
C ALA A 154 -5.64 6.19 -0.75
N VAL A 155 -4.90 6.39 0.35
CA VAL A 155 -5.35 5.85 1.63
C VAL A 155 -6.59 6.60 2.12
N ARG A 156 -6.64 7.92 1.92
CA ARG A 156 -7.87 8.66 2.21
C ARG A 156 -9.05 8.09 1.42
N HIS A 157 -8.80 7.71 0.16
CA HIS A 157 -9.87 7.14 -0.64
C HIS A 157 -10.33 5.81 -0.04
N CYS A 158 -9.37 4.97 0.38
CA CYS A 158 -9.74 3.72 1.05
C CYS A 158 -10.62 4.01 2.26
N HIS A 159 -10.19 4.93 3.12
CA HIS A 159 -10.94 5.19 4.34
C HIS A 159 -12.33 5.75 4.03
N ASN A 160 -12.45 6.61 3.02
CA ASN A 160 -13.76 7.13 2.61
C ASN A 160 -14.70 6.00 2.19
N CYS A 161 -14.15 4.97 1.53
CA CYS A 161 -14.93 3.82 1.10
C CYS A 161 -15.13 2.78 2.19
N GLY A 162 -14.72 3.05 3.44
CA GLY A 162 -14.90 2.09 4.52
C GLY A 162 -13.86 0.99 4.59
N VAL A 163 -12.67 1.18 4.02
CA VAL A 163 -11.68 0.12 3.88
C VAL A 163 -10.39 0.53 4.58
N LEU A 164 -9.86 -0.36 5.42
CA LEU A 164 -8.56 -0.18 6.06
C LEU A 164 -7.58 -1.15 5.42
N HIS A 165 -6.49 -0.62 4.85
CA HIS A 165 -5.60 -1.49 4.05
C HIS A 165 -4.75 -2.39 4.94
N ARG A 166 -4.19 -1.85 6.02
CA ARG A 166 -3.38 -2.59 7.00
C ARG A 166 -2.06 -3.14 6.46
N ASP A 167 -1.67 -2.85 5.23
CA ASP A 167 -0.35 -3.30 4.80
C ASP A 167 0.32 -2.27 3.89
N ILE A 168 0.19 -0.99 4.24
CA ILE A 168 0.87 0.05 3.46
C ILE A 168 2.37 -0.17 3.56
N LYS A 169 3.04 -0.32 2.41
CA LYS A 169 4.50 -0.38 2.36
C LYS A 169 4.93 -0.20 0.91
N ASP A 170 6.24 0.02 0.70
CA ASP A 170 6.72 0.28 -0.66
C ASP A 170 6.48 -0.92 -1.58
N GLU A 171 6.52 -2.13 -1.02
CA GLU A 171 6.24 -3.33 -1.82
C GLU A 171 4.81 -3.32 -2.36
N ASN A 172 3.87 -2.67 -1.65
CA ASN A 172 2.48 -2.67 -2.06
C ASN A 172 2.08 -1.40 -2.78
N ILE A 173 3.03 -0.76 -3.47
CA ILE A 173 2.78 0.47 -4.21
C ILE A 173 3.41 0.32 -5.58
N LEU A 174 2.60 0.45 -6.64
CA LEU A 174 3.11 0.42 -8.00
C LEU A 174 3.26 1.84 -8.52
N ILE A 175 4.30 2.05 -9.32
CA ILE A 175 4.56 3.34 -9.98
C ILE A 175 4.26 3.16 -11.46
N ASP A 176 3.30 3.94 -11.97
CA ASP A 176 3.09 4.01 -13.42
C ASP A 176 4.14 4.98 -13.94
N LEU A 177 5.17 4.44 -14.58
CA LEU A 177 6.34 5.24 -14.88
C LEU A 177 6.06 6.26 -15.98
N ASN A 178 5.09 5.97 -16.85
CA ASN A 178 4.77 6.94 -17.90
C ASN A 178 3.86 8.03 -17.38
N ARG A 179 2.89 7.69 -16.54
CA ARG A 179 1.93 8.70 -16.06
C ARG A 179 2.38 9.40 -14.77
N GLY A 180 3.35 8.84 -14.05
CA GLY A 180 3.74 9.43 -12.77
C GLY A 180 2.74 9.19 -11.65
N GLU A 181 1.86 8.22 -11.79
CA GLU A 181 0.81 7.93 -10.83
C GLU A 181 1.17 6.70 -10.02
N LEU A 182 0.90 6.74 -8.72
CA LEU A 182 1.11 5.60 -7.84
C LEU A 182 -0.20 4.85 -7.62
N LYS A 183 -0.09 3.54 -7.45
CA LYS A 183 -1.26 2.70 -7.25
C LYS A 183 -1.02 1.76 -6.08
N LEU A 184 -1.95 1.79 -5.11
CA LEU A 184 -1.92 0.91 -3.95
C LEU A 184 -2.45 -0.47 -4.31
N ILE A 185 -1.74 -1.53 -3.92
CA ILE A 185 -2.13 -2.89 -4.28
C ILE A 185 -2.19 -3.77 -3.04
N ASP A 186 -2.72 -4.98 -3.23
CA ASP A 186 -2.75 -6.07 -2.26
C ASP A 186 -3.54 -5.75 -1.00
N PHE A 187 -4.87 -5.89 -1.08
CA PHE A 187 -5.75 -5.72 0.07
C PHE A 187 -5.98 -7.02 0.83
N GLY A 188 -5.10 -8.01 0.68
CA GLY A 188 -5.31 -9.32 1.29
C GLY A 188 -5.16 -9.34 2.80
N SER A 189 -4.65 -8.28 3.42
CA SER A 189 -4.58 -8.20 4.87
C SER A 189 -5.49 -7.11 5.43
N GLY A 190 -6.34 -6.51 4.60
CA GLY A 190 -7.12 -5.37 5.03
C GLY A 190 -8.34 -5.79 5.84
N ALA A 191 -9.17 -4.80 6.15
CA ALA A 191 -10.38 -4.99 6.93
C ALA A 191 -11.35 -3.87 6.63
N LEU A 192 -12.61 -4.08 6.96
CA LEU A 192 -13.54 -2.96 7.00
C LEU A 192 -13.03 -1.96 8.02
N LEU A 193 -13.10 -0.68 7.67
CA LEU A 193 -12.66 0.35 8.61
C LEU A 193 -13.68 0.47 9.75
N LYS A 194 -13.20 0.44 10.99
CA LYS A 194 -14.05 0.67 12.17
C LYS A 194 -13.32 1.62 13.11
N ASP A 195 -14.07 2.12 14.10
CA ASP A 195 -13.55 3.04 15.09
C ASP A 195 -13.18 2.36 16.40
N THR A 196 -13.52 1.09 16.57
CA THR A 196 -13.16 0.35 17.77
C THR A 196 -11.82 -0.35 17.58
N VAL A 197 -11.32 -0.95 18.65
CA VAL A 197 -9.95 -1.47 18.64
C VAL A 197 -9.87 -2.70 17.74
N TYR A 198 -8.72 -2.85 17.07
CA TYR A 198 -8.36 -4.06 16.37
C TYR A 198 -7.46 -4.91 17.26
N THR A 199 -7.72 -6.22 17.29
CA THR A 199 -6.91 -7.14 18.06
C THR A 199 -6.30 -8.24 17.19
N ASP A 200 -6.55 -8.22 15.88
CA ASP A 200 -5.89 -9.09 14.92
C ASP A 200 -5.06 -8.23 13.98
N PHE A 201 -4.02 -8.84 13.39
CA PHE A 201 -3.17 -8.16 12.43
C PHE A 201 -2.37 -9.18 11.64
N ASP A 202 -2.39 -9.04 10.30
CA ASP A 202 -1.64 -9.95 9.45
C ASP A 202 -0.83 -9.22 8.38
N GLY A 203 -0.51 -7.93 8.59
CA GLY A 203 0.33 -7.18 7.68
C GLY A 203 1.81 -7.39 7.92
N THR A 204 2.60 -6.33 7.65
CA THR A 204 4.06 -6.42 7.74
C THR A 204 4.54 -5.86 9.07
N ARG A 205 5.19 -6.73 9.86
CA ARG A 205 5.54 -6.38 11.23
C ARG A 205 6.43 -5.14 11.31
N VAL A 206 7.39 -4.99 10.39
CA VAL A 206 8.29 -3.83 10.46
C VAL A 206 7.62 -2.53 10.08
N TYR A 207 6.37 -2.56 9.60
CA TYR A 207 5.57 -1.36 9.39
C TYR A 207 4.47 -1.20 10.43
N SER A 208 4.37 -2.15 11.42
CA SER A 208 3.31 -2.14 12.43
C SER A 208 3.70 -1.25 13.60
N PRO A 209 2.73 -0.70 14.31
CA PRO A 209 3.04 0.31 15.31
C PRO A 209 3.43 -0.31 16.64
N PRO A 210 4.03 0.47 17.53
CA PRO A 210 4.45 -0.07 18.83
C PRO A 210 3.32 -0.61 19.67
N GLU A 211 2.12 0.00 19.59
CA GLU A 211 1.00 -0.51 20.37
C GLU A 211 0.59 -1.91 19.93
N TRP A 212 0.89 -2.29 18.67
CA TRP A 212 0.68 -3.67 18.27
C TRP A 212 1.78 -4.58 18.81
N ILE A 213 3.04 -4.12 18.72
CA ILE A 213 4.16 -4.91 19.20
C ILE A 213 4.00 -5.23 20.68
N ARG A 214 3.60 -4.23 21.48
CA ARG A 214 3.55 -4.34 22.92
C ARG A 214 2.23 -4.94 23.43
N TYR A 215 1.10 -4.56 22.85
CA TYR A 215 -0.19 -4.91 23.44
C TYR A 215 -1.13 -5.70 22.55
N HIS A 216 -0.76 -6.01 21.31
CA HIS A 216 -1.65 -6.74 20.41
C HIS A 216 -2.97 -5.99 20.18
N ARG A 217 -2.92 -4.65 20.22
CA ARG A 217 -4.07 -3.78 19.96
C ARG A 217 -3.64 -2.54 19.18
N TYR A 218 -4.57 -2.02 18.38
CA TYR A 218 -4.33 -0.77 17.67
C TYR A 218 -5.66 -0.26 17.14
N HIS A 219 -5.69 1.03 16.85
CA HIS A 219 -6.80 1.64 16.14
C HIS A 219 -6.37 1.93 14.69
N GLY A 220 -7.34 1.92 13.78
CA GLY A 220 -7.06 1.85 12.37
C GLY A 220 -6.26 3.00 11.78
N ARG A 221 -6.76 4.22 11.97
CA ARG A 221 -6.18 5.37 11.31
C ARG A 221 -4.83 5.70 11.91
N SER A 222 -4.70 5.58 13.23
CA SER A 222 -3.41 5.91 13.82
C SER A 222 -2.37 4.85 13.52
N ALA A 223 -2.80 3.59 13.31
CA ALA A 223 -1.86 2.58 12.85
C ALA A 223 -1.45 2.83 11.42
N ALA A 224 -2.40 3.25 10.58
CA ALA A 224 -2.08 3.63 9.21
C ALA A 224 -1.05 4.76 9.18
N VAL A 225 -1.22 5.76 10.05
CA VAL A 225 -0.30 6.90 10.05
C VAL A 225 1.11 6.45 10.43
N TRP A 226 1.22 5.55 11.40
CA TRP A 226 2.53 4.99 11.74
C TRP A 226 3.19 4.38 10.52
N SER A 227 2.45 3.53 9.78
CA SER A 227 3.05 2.88 8.62
C SER A 227 3.43 3.90 7.56
N LEU A 228 2.73 5.03 7.51
CA LEU A 228 3.08 6.07 6.56
C LEU A 228 4.36 6.78 6.96
N GLY A 229 4.60 6.94 8.27
CA GLY A 229 5.88 7.44 8.73
C GLY A 229 7.02 6.52 8.36
N ILE A 230 6.83 5.21 8.54
CA ILE A 230 7.84 4.25 8.11
C ILE A 230 8.10 4.39 6.62
N LEU A 231 7.02 4.54 5.84
CA LEU A 231 7.14 4.64 4.39
C LEU A 231 7.89 5.90 3.98
N LEU A 232 7.56 7.04 4.62
CA LEU A 232 8.20 8.30 4.27
C LEU A 232 9.70 8.24 4.56
N TYR A 233 10.07 7.78 5.74
CA TYR A 233 11.48 7.55 6.07
C TYR A 233 12.13 6.69 5.00
N ASP A 234 11.46 5.62 4.61
CA ASP A 234 11.98 4.69 3.61
C ASP A 234 12.29 5.41 2.29
N MET A 235 11.41 6.34 1.89
CA MET A 235 11.63 7.07 0.65
C MET A 235 12.83 8.01 0.75
N VAL A 236 12.92 8.78 1.84
CA VAL A 236 13.97 9.80 1.88
C VAL A 236 15.29 9.30 2.44
N CYS A 237 15.32 8.10 3.03
CA CYS A 237 16.56 7.52 3.53
C CYS A 237 17.03 6.30 2.77
N GLY A 238 16.18 5.69 1.95
CA GLY A 238 16.56 4.55 1.15
C GLY A 238 16.32 3.21 1.79
N ASP A 239 15.84 3.18 3.04
CA ASP A 239 15.41 1.93 3.66
C ASP A 239 14.62 2.29 4.91
N ILE A 240 13.85 1.33 5.41
CA ILE A 240 12.95 1.54 6.56
C ILE A 240 13.82 1.74 7.80
N PRO A 241 13.34 2.44 8.82
CA PRO A 241 14.21 2.77 9.96
C PRO A 241 14.40 1.62 10.94
N PHE A 242 13.40 0.76 11.09
CA PHE A 242 13.38 -0.23 12.15
C PHE A 242 13.35 -1.62 11.56
N GLU A 243 14.00 -2.55 12.23
CA GLU A 243 14.11 -3.91 11.72
C GLU A 243 13.70 -4.89 12.80
N HIS A 244 13.86 -4.49 14.06
CA HIS A 244 13.62 -5.36 15.21
C HIS A 244 12.60 -4.72 16.14
N ASP A 245 11.93 -5.56 16.93
CA ASP A 245 10.85 -5.10 17.82
C ASP A 245 11.32 -3.97 18.74
N GLU A 246 12.52 -4.11 19.29
CA GLU A 246 13.01 -3.12 20.23
C GLU A 246 13.21 -1.76 19.56
N GLU A 247 13.54 -1.75 18.26
CA GLU A 247 13.60 -0.47 17.57
C GLU A 247 12.22 0.14 17.40
N ILE A 248 11.21 -0.70 17.11
CA ILE A 248 9.86 -0.17 16.87
C ILE A 248 9.32 0.51 18.12
N ILE A 249 9.44 -0.15 19.28
CA ILE A 249 8.93 0.42 20.52
C ILE A 249 9.89 1.46 21.12
N GLY A 250 11.10 1.55 20.60
CA GLY A 250 12.14 2.38 21.22
C GLY A 250 11.94 3.88 21.08
N GLY A 251 11.21 4.33 20.06
CA GLY A 251 10.93 5.75 19.98
C GLY A 251 12.11 6.66 19.63
N GLN A 252 13.12 6.14 18.93
CA GLN A 252 14.25 6.94 18.49
C GLN A 252 14.42 6.76 16.99
N VAL A 253 14.45 7.87 16.26
CA VAL A 253 14.57 7.87 14.81
C VAL A 253 15.91 8.51 14.46
N PHE A 254 16.87 7.70 14.00
CA PHE A 254 18.15 8.18 13.52
C PHE A 254 18.05 8.35 12.01
N PHE A 255 18.49 9.50 11.50
CA PHE A 255 18.48 9.76 10.06
C PHE A 255 19.86 9.47 9.47
N ARG A 256 19.88 8.54 8.52
CA ARG A 256 21.09 8.02 7.90
C ARG A 256 21.44 8.74 6.61
N GLN A 257 20.55 9.60 6.14
CA GLN A 257 20.77 10.48 5.00
C GLN A 257 20.47 11.91 5.44
N ARG A 258 20.92 12.84 4.61
CA ARG A 258 20.57 14.23 4.74
C ARG A 258 19.07 14.40 4.47
N VAL A 259 18.31 14.86 5.46
CA VAL A 259 16.87 15.07 5.35
C VAL A 259 16.55 16.43 5.96
N SER A 260 15.76 17.23 5.24
CA SER A 260 15.42 18.56 5.74
C SER A 260 14.73 18.47 7.09
N SER A 261 14.87 19.54 7.89
CA SER A 261 14.26 19.58 9.22
C SER A 261 12.73 19.44 9.14
N GLU A 262 12.10 20.07 8.15
CA GLU A 262 10.65 19.95 8.03
C GLU A 262 10.23 18.50 7.78
N CYS A 263 10.97 17.79 6.92
CA CYS A 263 10.63 16.41 6.62
C CYS A 263 10.89 15.51 7.83
N GLN A 264 12.02 15.71 8.52
CA GLN A 264 12.28 15.01 9.77
C GLN A 264 11.16 15.22 10.77
N HIS A 265 10.65 16.45 10.87
CA HIS A 265 9.60 16.70 11.83
C HIS A 265 8.34 15.90 11.48
N LEU A 266 7.92 15.92 10.21
CA LEU A 266 6.75 15.15 9.81
C LEU A 266 6.96 13.66 10.11
N ILE A 267 8.13 13.13 9.74
CA ILE A 267 8.39 11.71 9.99
C ILE A 267 8.29 11.42 11.47
N ARG A 268 8.96 12.22 12.29
CA ARG A 268 8.94 11.96 13.73
C ARG A 268 7.52 12.09 14.29
N TRP A 269 6.73 13.00 13.74
CA TRP A 269 5.35 13.14 14.19
C TRP A 269 4.53 11.89 13.85
N CYS A 270 4.65 11.38 12.62
CA CYS A 270 3.96 10.15 12.25
C CYS A 270 4.39 8.96 13.10
N LEU A 271 5.65 8.95 13.54
CA LEU A 271 6.18 7.85 14.35
C LEU A 271 6.12 8.16 15.85
N ALA A 272 5.22 9.04 16.28
CA ALA A 272 5.02 9.21 17.71
C ALA A 272 4.62 7.88 18.36
N LEU A 273 5.26 7.56 19.49
CA LEU A 273 4.97 6.31 20.19
C LEU A 273 3.50 6.23 20.64
N ARG A 274 2.98 7.28 21.26
CA ARG A 274 1.56 7.24 21.64
C ARG A 274 0.69 7.49 20.42
N PRO A 275 -0.27 6.62 20.12
CA PRO A 275 -1.11 6.83 18.91
C PRO A 275 -1.84 8.16 18.88
N SER A 276 -2.34 8.62 20.02
CA SER A 276 -3.06 9.89 20.05
C SER A 276 -2.15 11.09 19.79
N ASP A 277 -0.82 10.91 19.86
CA ASP A 277 0.10 11.99 19.50
C ASP A 277 0.41 12.06 18.01
N ARG A 278 -0.09 11.11 17.21
CA ARG A 278 0.22 11.14 15.79
C ARG A 278 -0.70 12.11 15.05
N PRO A 279 -0.24 12.64 13.93
CA PRO A 279 -1.09 13.54 13.14
C PRO A 279 -2.23 12.78 12.50
N THR A 280 -3.33 13.50 12.26
CA THR A 280 -4.37 13.04 11.36
C THR A 280 -3.90 13.20 9.91
N PHE A 281 -4.66 12.62 8.97
CA PHE A 281 -4.33 12.79 7.56
C PHE A 281 -4.39 14.25 7.15
N GLU A 282 -5.33 15.01 7.71
CA GLU A 282 -5.41 16.43 7.39
C GLU A 282 -4.14 17.16 7.84
N GLU A 283 -3.67 16.86 9.04
CA GLU A 283 -2.45 17.48 9.55
C GLU A 283 -1.22 17.09 8.74
N ILE A 284 -1.16 15.86 8.26
CA ILE A 284 -0.06 15.47 7.37
C ILE A 284 -0.09 16.33 6.10
N GLN A 285 -1.25 16.43 5.47
CA GLN A 285 -1.35 17.15 4.21
C GLN A 285 -1.28 18.66 4.37
N ASN A 286 -1.56 19.19 5.56
CA ASN A 286 -1.31 20.59 5.84
C ASN A 286 0.10 20.87 6.36
N HIS A 287 0.88 19.83 6.62
CA HIS A 287 2.24 20.05 7.14
C HIS A 287 3.05 20.88 6.15
N PRO A 288 3.88 21.81 6.63
CA PRO A 288 4.67 22.65 5.70
C PRO A 288 5.55 21.86 4.74
N TRP A 289 6.05 20.68 5.10
CA TRP A 289 6.86 19.93 4.14
C TRP A 289 6.05 19.45 2.93
N MET A 290 4.72 19.38 3.05
CA MET A 290 3.86 18.82 2.02
C MET A 290 3.34 19.84 1.02
N GLN A 291 3.64 21.12 1.19
N GLN A 291 3.68 21.12 1.20
CA GLN A 291 3.07 22.12 0.29
CA GLN A 291 3.25 22.20 0.31
C GLN A 291 3.82 22.18 -1.04
C GLN A 291 3.83 22.06 -1.10
N ASP A 292 3.10 22.58 -2.09
CA ASP A 292 3.61 22.76 -3.45
C ASP A 292 4.04 21.44 -4.09
N VAL A 293 3.20 20.41 -3.93
CA VAL A 293 3.48 19.11 -4.53
C VAL A 293 3.47 19.23 -6.05
N LEU A 294 4.24 18.37 -6.71
CA LEU A 294 4.20 18.23 -8.16
C LEU A 294 2.94 17.46 -8.57
N LEU A 295 2.41 17.81 -9.74
CA LEU A 295 1.38 17.00 -10.37
C LEU A 295 1.96 15.67 -10.84
N PRO A 296 1.12 14.65 -11.05
CA PRO A 296 1.66 13.36 -11.52
C PRO A 296 2.42 13.47 -12.83
N GLN A 297 1.91 14.24 -13.79
CA GLN A 297 2.57 14.34 -15.09
C GLN A 297 3.93 15.04 -14.97
N GLU A 298 3.97 16.16 -14.23
CA GLU A 298 5.25 16.78 -13.91
C GLU A 298 6.21 15.79 -13.25
N THR A 299 5.67 14.95 -12.35
CA THR A 299 6.54 14.01 -11.65
C THR A 299 7.18 13.04 -12.63
N ALA A 300 6.38 12.52 -13.57
CA ALA A 300 6.93 11.61 -14.58
C ALA A 300 8.00 12.30 -15.42
N GLU A 301 7.73 13.53 -15.86
CA GLU A 301 8.65 14.19 -16.79
C GLU A 301 9.96 14.55 -16.11
N ILE A 302 9.90 15.07 -14.88
CA ILE A 302 11.12 15.50 -14.20
C ILE A 302 11.92 14.30 -13.69
N HIS A 303 11.24 13.28 -13.18
CA HIS A 303 11.91 12.26 -12.38
C HIS A 303 11.88 10.87 -12.95
N LEU A 304 10.96 10.55 -13.86
CA LEU A 304 10.79 9.18 -14.30
C LEU A 304 11.10 8.95 -15.77
N HIS A 305 10.91 9.94 -16.64
CA HIS A 305 11.25 9.80 -18.05
C HIS A 305 12.75 9.98 -18.26
N ARG B 2 24.51 -1.82 3.55
CA ARG B 2 23.86 -2.81 4.42
C ARG B 2 22.65 -3.43 3.71
N LYS B 3 22.19 -4.57 4.22
CA LYS B 3 21.18 -5.36 3.53
C LYS B 3 19.81 -4.68 3.63
N ARG B 4 19.25 -4.31 2.48
CA ARG B 4 17.86 -3.91 2.34
C ARG B 4 17.09 -5.11 1.79
N ARG B 5 16.02 -5.50 2.48
CA ARG B 5 15.29 -6.69 2.10
C ARG B 5 13.79 -6.43 2.14
N ARG B 6 13.05 -7.27 1.42
CA ARG B 6 11.60 -7.32 1.55
C ARG B 6 11.21 -8.01 2.85
N HIS B 7 9.97 -7.82 3.27
CA HIS B 7 9.43 -8.48 4.46
C HIS B 7 8.05 -9.05 4.14
N PRO B 8 7.86 -10.35 4.26
CA PRO B 8 6.53 -10.93 4.01
C PRO B 8 5.49 -10.45 5.02
N SER B 9 4.24 -10.55 4.59
CA SER B 9 3.09 -10.12 5.39
C SER B 9 2.51 -11.33 6.12
N GLY B 10 2.60 -11.31 7.45
CA GLY B 10 2.08 -12.39 8.26
C GLY B 10 2.96 -12.75 9.45
C4 8MB C . -1.09 -6.32 -9.16
C5 8MB C . 0.22 -6.79 -9.00
C6 8MB C . 1.20 -6.51 -9.93
C7 8MB C . -2.07 -6.58 -8.11
C8 8MB C . -1.83 -7.31 -7.02
C9 8MB C . -2.72 -7.32 -5.82
O1 8MB C . -3.74 -6.55 -5.80
O 8MB C . -2.37 -8.07 -4.86
C3 8MB C . -1.36 -5.57 -10.31
C2 8MB C . -0.38 -5.32 -11.24
C1 8MB C . 0.92 -5.77 -11.07
C 8MB C . 2.00 -5.45 -12.06
#